data_5AAZ
#
_entry.id   5AAZ
#
_cell.length_a   1.000
_cell.length_b   1.000
_cell.length_c   1.000
_cell.angle_alpha   90.00
_cell.angle_beta   90.00
_cell.angle_gamma   90.00
#
_symmetry.space_group_name_H-M   'P 1'
#
loop_
_entity.id
_entity.type
_entity.pdbx_description
1 polymer OPTINEURIN
2 non-polymer 'ZINC ION'
#
_entity_poly.entity_id   1
_entity_poly.type   'polypeptide(L)'
_entity_poly.pdbx_seq_one_letter_code
;GSRNIPIHSCPKCGEVLPDIDTLQIHVMDCII
;
_entity_poly.pdbx_strand_id   A
#
# COMPACT_ATOMS: atom_id res chain seq x y z
N SER A 2 -14.51 18.48 4.70
CA SER A 2 -14.74 17.41 3.69
C SER A 2 -13.42 16.74 3.29
N ARG A 3 -13.06 15.69 4.00
CA ARG A 3 -11.82 14.96 3.73
C ARG A 3 -12.09 13.46 3.60
N ASN A 4 -11.89 12.93 2.40
CA ASN A 4 -12.10 11.51 2.15
C ASN A 4 -11.04 10.67 2.84
N ILE A 5 -11.11 9.35 2.65
CA ILE A 5 -10.16 8.43 3.26
C ILE A 5 -9.37 7.67 2.20
N PRO A 6 -8.33 8.30 1.62
CA PRO A 6 -7.50 7.68 0.58
C PRO A 6 -6.92 6.34 1.04
N ILE A 7 -6.73 5.43 0.09
CA ILE A 7 -6.19 4.11 0.39
C ILE A 7 -5.03 3.77 -0.54
N HIS A 8 -3.93 3.32 0.04
CA HIS A 8 -2.75 2.96 -0.74
C HIS A 8 -2.92 1.59 -1.37
N SER A 9 -2.45 1.43 -2.61
CA SER A 9 -2.55 0.17 -3.33
C SER A 9 -1.23 -0.17 -4.00
N CYS A 10 -0.79 -1.42 -3.86
CA CYS A 10 0.46 -1.86 -4.46
C CYS A 10 0.27 -2.15 -5.95
N PRO A 11 1.04 -1.49 -6.82
CA PRO A 11 0.95 -1.68 -8.27
C PRO A 11 1.66 -2.95 -8.75
N LYS A 12 2.52 -3.50 -7.90
CA LYS A 12 3.27 -4.71 -8.25
C LYS A 12 2.34 -5.92 -8.32
N CYS A 13 1.32 -5.94 -7.47
CA CYS A 13 0.37 -7.04 -7.45
C CYS A 13 -1.06 -6.53 -7.32
N GLY A 14 -1.27 -5.62 -6.37
CA GLY A 14 -2.60 -5.06 -6.16
C GLY A 14 -3.14 -5.34 -4.78
N GLU A 15 -2.26 -5.31 -3.79
CA GLU A 15 -2.66 -5.56 -2.40
C GLU A 15 -3.29 -4.32 -1.79
N VAL A 16 -4.41 -4.51 -1.10
CA VAL A 16 -5.12 -3.41 -0.46
C VAL A 16 -4.38 -2.95 0.79
N LEU A 17 -3.82 -1.74 0.73
CA LEU A 17 -3.08 -1.18 1.85
C LEU A 17 -3.85 -0.02 2.48
N PRO A 18 -4.38 -0.20 3.71
CA PRO A 18 -5.14 0.83 4.40
C PRO A 18 -4.36 2.12 4.63
N ASP A 19 -3.05 2.00 4.83
CA ASP A 19 -2.20 3.16 5.07
C ASP A 19 -0.84 3.02 4.41
N ILE A 20 -0.01 4.05 4.57
CA ILE A 20 1.33 4.06 4.01
C ILE A 20 2.26 3.15 4.79
N ASP A 21 2.09 3.14 6.10
CA ASP A 21 2.91 2.30 6.98
C ASP A 21 2.80 0.85 6.57
N THR A 22 1.58 0.39 6.36
CA THR A 22 1.34 -0.99 5.95
C THR A 22 1.81 -1.19 4.51
N LEU A 23 1.70 -0.14 3.71
CA LEU A 23 2.11 -0.16 2.32
C LEU A 23 3.64 -0.22 2.21
N GLN A 24 4.31 0.51 3.09
CA GLN A 24 5.77 0.54 3.09
C GLN A 24 6.34 -0.85 3.39
N ILE A 25 5.83 -1.48 4.43
CA ILE A 25 6.29 -2.81 4.83
C ILE A 25 6.01 -3.82 3.72
N HIS A 26 4.92 -3.62 2.99
CA HIS A 26 4.55 -4.51 1.91
C HIS A 26 5.52 -4.39 0.73
N VAL A 27 5.68 -3.17 0.23
CA VAL A 27 6.58 -2.90 -0.89
C VAL A 27 8.01 -3.32 -0.55
N MET A 28 8.36 -3.21 0.72
CA MET A 28 9.69 -3.56 1.18
C MET A 28 9.92 -5.07 1.10
N ASP A 29 8.82 -5.83 1.22
CA ASP A 29 8.90 -7.29 1.16
C ASP A 29 8.11 -7.83 -0.02
N CYS A 30 7.88 -6.99 -1.02
CA CYS A 30 7.12 -7.40 -2.21
C CYS A 30 8.07 -7.76 -3.35
N ILE A 31 7.56 -8.56 -4.29
CA ILE A 31 8.36 -8.97 -5.44
C ILE A 31 8.64 -7.80 -6.38
N ILE A 32 9.91 -7.45 -6.52
CA ILE A 32 10.31 -6.34 -7.39
C ILE A 32 10.19 -6.72 -8.85
N SER A 2 -14.59 12.89 9.39
CA SER A 2 -13.41 13.80 9.37
C SER A 2 -12.60 13.62 8.09
N ARG A 3 -13.01 14.32 7.03
CA ARG A 3 -12.31 14.25 5.75
C ARG A 3 -12.34 12.82 5.22
N ASN A 4 -12.01 12.67 3.93
CA ASN A 4 -11.99 11.36 3.30
C ASN A 4 -10.95 10.46 3.95
N ILE A 5 -10.96 9.19 3.55
CA ILE A 5 -10.02 8.22 4.10
C ILE A 5 -9.02 7.75 3.03
N PRO A 6 -7.86 8.41 2.94
CA PRO A 6 -6.84 8.06 1.95
C PRO A 6 -6.45 6.58 2.02
N ILE A 7 -6.34 5.94 0.86
CA ILE A 7 -5.98 4.54 0.78
C ILE A 7 -4.86 4.31 -0.22
N HIS A 8 -4.02 3.32 0.05
CA HIS A 8 -2.90 3.01 -0.83
C HIS A 8 -3.01 1.59 -1.36
N SER A 9 -2.55 1.39 -2.59
CA SER A 9 -2.60 0.08 -3.23
C SER A 9 -1.27 -0.25 -3.90
N CYS A 10 -0.83 -1.49 -3.76
CA CYS A 10 0.42 -1.93 -4.36
C CYS A 10 0.25 -2.21 -5.85
N PRO A 11 1.01 -1.51 -6.72
CA PRO A 11 0.92 -1.69 -8.17
C PRO A 11 1.63 -2.94 -8.67
N LYS A 12 2.47 -3.52 -7.82
CA LYS A 12 3.21 -4.73 -8.19
C LYS A 12 2.28 -5.93 -8.31
N CYS A 13 1.39 -6.09 -7.34
CA CYS A 13 0.44 -7.21 -7.35
C CYS A 13 -0.99 -6.71 -7.30
N GLY A 14 -1.24 -5.70 -6.47
CA GLY A 14 -2.58 -5.15 -6.34
C GLY A 14 -3.18 -5.39 -4.97
N GLU A 15 -2.32 -5.46 -3.96
CA GLU A 15 -2.77 -5.69 -2.59
C GLU A 15 -3.28 -4.38 -1.97
N VAL A 16 -4.43 -4.47 -1.30
CA VAL A 16 -5.02 -3.31 -0.66
C VAL A 16 -4.27 -2.93 0.59
N LEU A 17 -3.70 -1.73 0.61
CA LEU A 17 -2.95 -1.24 1.76
C LEU A 17 -3.69 -0.13 2.48
N PRO A 18 -4.30 -0.43 3.64
CA PRO A 18 -5.05 0.54 4.43
C PRO A 18 -4.34 1.90 4.55
N ASP A 19 -3.02 1.88 4.73
CA ASP A 19 -2.26 3.11 4.86
C ASP A 19 -0.85 2.97 4.30
N ILE A 20 -0.06 4.04 4.44
CA ILE A 20 1.32 4.06 3.96
C ILE A 20 2.20 3.13 4.79
N ASP A 21 1.89 3.05 6.07
CA ASP A 21 2.65 2.21 6.99
C ASP A 21 2.65 0.76 6.51
N THR A 22 1.46 0.24 6.22
CA THR A 22 1.34 -1.13 5.73
C THR A 22 1.88 -1.24 4.31
N LEU A 23 1.73 -0.16 3.55
CA LEU A 23 2.21 -0.11 2.17
C LEU A 23 3.73 -0.09 2.12
N GLN A 24 4.35 0.63 3.07
CA GLN A 24 5.80 0.73 3.13
C GLN A 24 6.42 -0.62 3.45
N ILE A 25 5.86 -1.32 4.43
CA ILE A 25 6.36 -2.62 4.83
C ILE A 25 6.07 -3.67 3.77
N HIS A 26 4.97 -3.48 3.04
CA HIS A 26 4.59 -4.41 1.99
C HIS A 26 5.54 -4.32 0.80
N VAL A 27 5.71 -3.11 0.27
CA VAL A 27 6.59 -2.89 -0.87
C VAL A 27 8.02 -3.29 -0.54
N MET A 28 8.39 -3.18 0.72
CA MET A 28 9.73 -3.53 1.17
C MET A 28 9.96 -5.04 1.09
N ASP A 29 8.89 -5.81 1.25
CA ASP A 29 8.97 -7.27 1.19
C ASP A 29 8.12 -7.83 0.05
N CYS A 30 7.84 -6.99 -0.95
CA CYS A 30 7.05 -7.41 -2.10
C CYS A 30 7.95 -7.76 -3.28
N ILE A 31 7.43 -8.59 -4.18
CA ILE A 31 8.18 -9.00 -5.36
C ILE A 31 8.33 -7.84 -6.34
N ILE A 32 9.53 -7.71 -6.92
CA ILE A 32 9.82 -6.64 -7.87
C ILE A 32 10.17 -7.22 -9.24
N SER A 2 -15.64 12.78 7.84
CA SER A 2 -14.35 13.14 7.18
C SER A 2 -13.50 11.90 6.92
N ARG A 3 -12.23 12.12 6.59
CA ARG A 3 -11.31 11.03 6.32
C ARG A 3 -10.06 11.14 7.18
N ASN A 4 -9.27 10.08 7.22
CA ASN A 4 -8.04 10.07 8.00
C ASN A 4 -7.07 9.02 7.47
N ILE A 5 -7.59 7.83 7.19
CA ILE A 5 -6.77 6.73 6.68
C ILE A 5 -6.66 6.79 5.16
N PRO A 6 -5.46 7.09 4.63
CA PRO A 6 -5.24 7.17 3.17
C PRO A 6 -5.48 5.83 2.48
N ILE A 7 -5.64 5.88 1.16
CA ILE A 7 -5.87 4.68 0.37
C ILE A 7 -4.64 4.33 -0.46
N HIS A 8 -3.91 3.31 -0.03
CA HIS A 8 -2.71 2.88 -0.74
C HIS A 8 -2.91 1.50 -1.36
N SER A 9 -2.44 1.34 -2.60
CA SER A 9 -2.55 0.08 -3.31
C SER A 9 -1.23 -0.29 -3.98
N CYS A 10 -0.85 -1.56 -3.85
CA CYS A 10 0.39 -2.04 -4.45
C CYS A 10 0.22 -2.29 -5.94
N PRO A 11 0.97 -1.55 -6.79
CA PRO A 11 0.88 -1.69 -8.25
C PRO A 11 1.60 -2.94 -8.77
N LYS A 12 2.44 -3.54 -7.93
CA LYS A 12 3.18 -4.73 -8.32
C LYS A 12 2.25 -5.94 -8.47
N CYS A 13 1.28 -6.06 -7.57
CA CYS A 13 0.33 -7.16 -7.61
C CYS A 13 -1.10 -6.66 -7.49
N GLY A 14 -1.35 -5.79 -6.52
CA GLY A 14 -2.69 -5.25 -6.32
C GLY A 14 -3.24 -5.57 -4.95
N GLU A 15 -2.38 -5.54 -3.94
CA GLU A 15 -2.78 -5.82 -2.57
C GLU A 15 -3.40 -4.58 -1.93
N VAL A 16 -4.52 -4.77 -1.25
CA VAL A 16 -5.21 -3.67 -0.58
C VAL A 16 -4.47 -3.24 0.67
N LEU A 17 -4.02 -1.99 0.70
CA LEU A 17 -3.30 -1.45 1.84
C LEU A 17 -4.12 -0.38 2.54
N PRO A 18 -4.10 -0.37 3.90
CA PRO A 18 -4.85 0.61 4.68
C PRO A 18 -4.16 1.96 4.78
N ASP A 19 -2.83 1.96 4.81
CA ASP A 19 -2.07 3.21 4.92
C ASP A 19 -0.67 3.06 4.32
N ILE A 20 0.04 4.18 4.26
CA ILE A 20 1.40 4.21 3.72
C ILE A 20 2.34 3.37 4.58
N ASP A 21 2.21 3.52 5.89
CA ASP A 21 3.04 2.77 6.83
C ASP A 21 2.88 1.28 6.60
N THR A 22 1.63 0.85 6.45
CA THR A 22 1.32 -0.55 6.19
C THR A 22 1.75 -0.93 4.78
N LEU A 23 1.64 0.04 3.87
CA LEU A 23 2.01 -0.16 2.48
C LEU A 23 3.52 -0.30 2.34
N GLN A 24 4.25 0.48 3.12
CA GLN A 24 5.71 0.45 3.09
C GLN A 24 6.24 -0.93 3.43
N ILE A 25 5.60 -1.58 4.41
CA ILE A 25 6.01 -2.91 4.83
C ILE A 25 5.73 -3.94 3.74
N HIS A 26 4.68 -3.69 2.97
CA HIS A 26 4.31 -4.58 1.87
C HIS A 26 5.33 -4.51 0.74
N VAL A 27 5.55 -3.30 0.23
CA VAL A 27 6.50 -3.10 -0.86
C VAL A 27 7.90 -3.55 -0.45
N MET A 28 8.24 -3.34 0.82
CA MET A 28 9.55 -3.71 1.33
C MET A 28 9.78 -5.22 1.18
N ASP A 29 8.70 -5.98 1.27
CA ASP A 29 8.79 -7.44 1.14
C ASP A 29 8.35 -7.89 -0.25
N CYS A 30 7.55 -7.06 -0.91
CA CYS A 30 7.07 -7.39 -2.26
C CYS A 30 8.20 -7.39 -3.26
N ILE A 31 8.00 -8.07 -4.38
CA ILE A 31 9.01 -8.15 -5.43
C ILE A 31 9.15 -6.82 -6.16
N ILE A 32 10.31 -6.19 -6.02
CA ILE A 32 10.58 -4.91 -6.67
C ILE A 32 10.50 -5.04 -8.18
N SER A 2 -16.88 15.70 7.70
CA SER A 2 -17.55 14.46 7.22
C SER A 2 -16.92 13.95 5.93
N ARG A 3 -16.19 12.85 6.03
CA ARG A 3 -15.54 12.26 4.87
C ARG A 3 -14.93 10.90 5.22
N ASN A 4 -14.34 10.25 4.21
CA ASN A 4 -13.72 8.94 4.41
C ASN A 4 -12.21 9.07 4.50
N ILE A 5 -11.52 7.93 4.44
CA ILE A 5 -10.06 7.92 4.49
C ILE A 5 -9.46 7.33 3.23
N PRO A 6 -8.30 7.83 2.79
CA PRO A 6 -7.62 7.35 1.58
C PRO A 6 -7.00 5.96 1.78
N ILE A 7 -6.91 5.21 0.69
CA ILE A 7 -6.34 3.87 0.73
C ILE A 7 -5.20 3.73 -0.28
N HIS A 8 -4.18 2.96 0.09
CA HIS A 8 -3.03 2.74 -0.79
C HIS A 8 -3.12 1.37 -1.45
N SER A 9 -2.61 1.28 -2.68
CA SER A 9 -2.63 0.04 -3.42
C SER A 9 -1.24 -0.29 -3.97
N CYS A 10 -0.85 -1.56 -3.85
CA CYS A 10 0.45 -2.00 -4.33
C CYS A 10 0.44 -2.21 -5.85
N PRO A 11 1.15 -1.35 -6.60
CA PRO A 11 1.21 -1.44 -8.07
C PRO A 11 1.93 -2.69 -8.57
N LYS A 12 2.68 -3.33 -7.68
CA LYS A 12 3.42 -4.55 -8.05
C LYS A 12 2.47 -5.72 -8.30
N CYS A 13 1.61 -5.99 -7.31
CA CYS A 13 0.65 -7.08 -7.43
C CYS A 13 -0.77 -6.56 -7.48
N GLY A 14 -1.05 -5.55 -6.66
CA GLY A 14 -2.38 -4.97 -6.63
C GLY A 14 -3.09 -5.22 -5.30
N GLU A 15 -2.32 -5.39 -4.24
CA GLU A 15 -2.87 -5.64 -2.92
C GLU A 15 -3.30 -4.34 -2.25
N VAL A 16 -4.49 -4.33 -1.67
CA VAL A 16 -5.02 -3.15 -1.00
C VAL A 16 -4.35 -2.95 0.35
N LEU A 17 -3.82 -1.75 0.57
CA LEU A 17 -3.15 -1.42 1.82
C LEU A 17 -3.95 -0.40 2.62
N PRO A 18 -3.98 -0.52 3.96
CA PRO A 18 -4.72 0.40 4.82
C PRO A 18 -4.07 1.78 4.91
N ASP A 19 -2.75 1.80 5.14
CA ASP A 19 -2.03 3.08 5.24
C ASP A 19 -0.66 2.99 4.59
N ILE A 20 -0.03 4.15 4.40
CA ILE A 20 1.29 4.24 3.79
C ILE A 20 2.32 3.46 4.60
N ASP A 21 2.25 3.63 5.91
CA ASP A 21 3.17 2.95 6.82
C ASP A 21 3.08 1.44 6.62
N THR A 22 1.86 0.94 6.55
CA THR A 22 1.61 -0.48 6.33
C THR A 22 1.98 -0.86 4.91
N LEU A 23 1.75 0.08 3.98
CA LEU A 23 2.04 -0.13 2.57
C LEU A 23 3.55 -0.17 2.34
N GLN A 24 4.28 0.66 3.06
CA GLN A 24 5.73 0.72 2.94
C GLN A 24 6.36 -0.63 3.29
N ILE A 25 5.76 -1.32 4.26
CA ILE A 25 6.26 -2.62 4.69
C ILE A 25 6.01 -3.69 3.63
N HIS A 26 4.82 -3.64 3.03
CA HIS A 26 4.45 -4.61 2.00
C HIS A 26 5.37 -4.48 0.79
N VAL A 27 5.45 -3.28 0.23
CA VAL A 27 6.29 -3.03 -0.93
C VAL A 27 7.73 -3.42 -0.67
N MET A 28 8.15 -3.32 0.59
CA MET A 28 9.51 -3.67 0.98
C MET A 28 9.73 -5.18 0.91
N ASP A 29 8.70 -5.93 1.24
CA ASP A 29 8.79 -7.39 1.22
C ASP A 29 7.96 -7.98 0.08
N CYS A 30 7.69 -7.16 -0.94
CA CYS A 30 6.91 -7.60 -2.09
C CYS A 30 7.82 -7.97 -3.26
N ILE A 31 7.30 -8.78 -4.17
CA ILE A 31 8.06 -9.21 -5.33
C ILE A 31 8.33 -8.04 -6.28
N ILE A 32 9.61 -7.76 -6.50
CA ILE A 32 10.01 -6.66 -7.36
C ILE A 32 9.53 -6.90 -8.80
N SER A 2 -15.77 14.17 4.36
CA SER A 2 -14.68 13.29 4.84
C SER A 2 -13.32 13.82 4.42
N ARG A 3 -12.37 13.81 5.34
CA ARG A 3 -11.02 14.29 5.07
C ARG A 3 -9.97 13.31 5.59
N ASN A 4 -10.24 12.02 5.42
CA ASN A 4 -9.33 10.98 5.86
C ASN A 4 -8.11 10.89 4.95
N ILE A 5 -7.22 9.94 5.23
CA ILE A 5 -6.01 9.76 4.44
C ILE A 5 -6.30 8.92 3.20
N PRO A 6 -5.52 9.11 2.12
CA PRO A 6 -5.69 8.37 0.87
C PRO A 6 -5.28 6.90 1.01
N ILE A 7 -6.09 6.02 0.45
CA ILE A 7 -5.82 4.59 0.51
C ILE A 7 -4.74 4.19 -0.49
N HIS A 8 -3.70 3.52 -0.01
CA HIS A 8 -2.61 3.09 -0.87
C HIS A 8 -2.79 1.64 -1.31
N SER A 9 -2.34 1.33 -2.51
CA SER A 9 -2.45 -0.02 -3.05
C SER A 9 -1.13 -0.47 -3.69
N CYS A 10 -0.81 -1.75 -3.52
CA CYS A 10 0.41 -2.31 -4.07
C CYS A 10 0.24 -2.61 -5.57
N PRO A 11 0.93 -1.84 -6.45
CA PRO A 11 0.84 -2.03 -7.89
C PRO A 11 1.60 -3.26 -8.39
N LYS A 12 2.52 -3.75 -7.56
CA LYS A 12 3.32 -4.91 -7.93
C LYS A 12 2.45 -6.18 -7.95
N CYS A 13 1.58 -6.33 -6.95
CA CYS A 13 0.72 -7.51 -6.88
C CYS A 13 -0.75 -7.11 -7.03
N GLY A 14 -1.12 -5.99 -6.42
CA GLY A 14 -2.50 -5.53 -6.49
C GLY A 14 -3.25 -5.70 -5.19
N GLU A 15 -2.53 -5.56 -4.07
CA GLU A 15 -3.13 -5.70 -2.75
C GLU A 15 -3.49 -4.34 -2.17
N VAL A 16 -4.70 -4.25 -1.62
CA VAL A 16 -5.17 -3.00 -1.02
C VAL A 16 -4.48 -2.75 0.32
N LEU A 17 -3.92 -1.56 0.49
CA LEU A 17 -3.23 -1.19 1.71
C LEU A 17 -3.95 -0.02 2.40
N PRO A 18 -4.38 -0.20 3.66
CA PRO A 18 -5.09 0.83 4.42
C PRO A 18 -4.29 2.13 4.53
N ASP A 19 -2.98 2.01 4.79
CA ASP A 19 -2.14 3.20 4.93
C ASP A 19 -0.74 2.97 4.36
N ILE A 20 0.05 4.03 4.31
CA ILE A 20 1.42 3.96 3.79
C ILE A 20 2.28 3.08 4.68
N ASP A 21 1.99 3.08 5.97
CA ASP A 21 2.74 2.28 6.92
C ASP A 21 2.70 0.81 6.53
N THR A 22 1.51 0.30 6.28
CA THR A 22 1.34 -1.10 5.89
C THR A 22 1.88 -1.31 4.47
N LEU A 23 1.74 -0.27 3.64
CA LEU A 23 2.20 -0.32 2.27
C LEU A 23 3.72 -0.32 2.20
N GLN A 24 4.35 0.45 3.08
CA GLN A 24 5.81 0.53 3.13
C GLN A 24 6.42 -0.84 3.43
N ILE A 25 5.95 -1.46 4.51
CA ILE A 25 6.45 -2.77 4.90
C ILE A 25 6.08 -3.82 3.86
N HIS A 26 4.95 -3.63 3.20
CA HIS A 26 4.48 -4.56 2.18
C HIS A 26 5.40 -4.52 0.95
N VAL A 27 5.65 -3.32 0.45
CA VAL A 27 6.51 -3.16 -0.72
C VAL A 27 7.94 -3.55 -0.41
N MET A 28 8.35 -3.36 0.85
CA MET A 28 9.71 -3.69 1.27
C MET A 28 10.03 -5.14 0.94
N ASP A 29 9.01 -5.99 0.98
CA ASP A 29 9.17 -7.40 0.69
C ASP A 29 8.42 -7.78 -0.60
N CYS A 30 7.46 -6.96 -0.99
CA CYS A 30 6.68 -7.21 -2.19
C CYS A 30 7.20 -6.38 -3.37
N ILE A 31 7.63 -7.08 -4.42
CA ILE A 31 8.13 -6.41 -5.62
C ILE A 31 7.93 -7.27 -6.85
N ILE A 32 7.77 -6.62 -8.01
CA ILE A 32 7.57 -7.33 -9.26
C ILE A 32 6.48 -8.39 -9.14
N SER A 2 -4.84 15.37 -3.61
CA SER A 2 -4.87 14.66 -2.30
C SER A 2 -6.23 14.82 -1.63
N ARG A 3 -6.87 13.70 -1.32
CA ARG A 3 -8.18 13.73 -0.67
C ARG A 3 -8.04 13.55 0.84
N ASN A 4 -9.17 13.41 1.53
CA ASN A 4 -9.17 13.24 2.98
C ASN A 4 -8.38 11.99 3.38
N ILE A 5 -8.99 10.83 3.20
CA ILE A 5 -8.34 9.57 3.53
C ILE A 5 -8.06 8.74 2.29
N PRO A 6 -6.92 8.99 1.62
CA PRO A 6 -6.53 8.27 0.41
C PRO A 6 -6.19 6.81 0.69
N ILE A 7 -6.48 5.94 -0.27
CA ILE A 7 -6.20 4.52 -0.13
C ILE A 7 -5.00 4.11 -0.98
N HIS A 8 -4.01 3.50 -0.33
CA HIS A 8 -2.80 3.06 -1.03
C HIS A 8 -2.98 1.64 -1.58
N SER A 9 -2.39 1.39 -2.74
CA SER A 9 -2.48 0.08 -3.38
C SER A 9 -1.11 -0.38 -3.88
N CYS A 10 -0.80 -1.66 -3.68
CA CYS A 10 0.46 -2.23 -4.11
C CYS A 10 0.43 -2.52 -5.61
N PRO A 11 1.19 -1.75 -6.42
CA PRO A 11 1.23 -1.94 -7.88
C PRO A 11 1.99 -3.20 -8.28
N LYS A 12 2.78 -3.75 -7.36
CA LYS A 12 3.55 -4.95 -7.64
C LYS A 12 2.66 -6.17 -7.78
N CYS A 13 1.59 -6.22 -6.97
CA CYS A 13 0.66 -7.35 -7.02
C CYS A 13 -0.78 -6.87 -7.22
N GLY A 14 -1.15 -5.81 -6.50
CA GLY A 14 -2.49 -5.28 -6.61
C GLY A 14 -3.29 -5.51 -5.34
N GLU A 15 -2.65 -5.35 -4.20
CA GLU A 15 -3.31 -5.54 -2.91
C GLU A 15 -3.60 -4.20 -2.24
N VAL A 16 -4.81 -4.05 -1.72
CA VAL A 16 -5.22 -2.82 -1.06
C VAL A 16 -4.56 -2.71 0.33
N LEU A 17 -3.63 -1.78 0.45
CA LEU A 17 -2.92 -1.57 1.72
C LEU A 17 -3.66 -0.57 2.60
N PRO A 18 -3.86 -0.90 3.89
CA PRO A 18 -4.56 -0.02 4.83
C PRO A 18 -4.00 1.40 4.85
N ASP A 19 -2.68 1.53 4.96
CA ASP A 19 -2.05 2.85 4.99
C ASP A 19 -0.63 2.80 4.44
N ILE A 20 0.01 3.97 4.39
CA ILE A 20 1.38 4.09 3.88
C ILE A 20 2.36 3.33 4.76
N ASP A 21 2.21 3.48 6.07
CA ASP A 21 3.07 2.80 7.02
C ASP A 21 3.02 1.29 6.81
N THR A 22 1.80 0.78 6.71
CA THR A 22 1.58 -0.64 6.49
C THR A 22 1.98 -1.01 5.07
N LEU A 23 1.78 -0.06 4.16
CA LEU A 23 2.11 -0.26 2.75
C LEU A 23 3.62 -0.32 2.54
N GLN A 24 4.35 0.51 3.29
CA GLN A 24 5.80 0.55 3.20
C GLN A 24 6.40 -0.82 3.50
N ILE A 25 5.84 -1.51 4.50
CA ILE A 25 6.32 -2.82 4.88
C ILE A 25 5.95 -3.87 3.83
N HIS A 26 4.82 -3.66 3.16
CA HIS A 26 4.36 -4.57 2.12
C HIS A 26 5.26 -4.50 0.89
N VAL A 27 5.41 -3.29 0.35
CA VAL A 27 6.24 -3.09 -0.84
C VAL A 27 7.70 -3.41 -0.56
N MET A 28 8.11 -3.22 0.69
CA MET A 28 9.49 -3.48 1.08
C MET A 28 9.89 -4.92 0.75
N ASP A 29 8.92 -5.82 0.83
CA ASP A 29 9.17 -7.24 0.54
C ASP A 29 8.40 -7.71 -0.69
N CYS A 30 7.31 -7.00 -1.01
CA CYS A 30 6.49 -7.35 -2.16
C CYS A 30 7.03 -6.72 -3.44
N ILE A 31 7.39 -7.56 -4.41
CA ILE A 31 7.91 -7.09 -5.68
C ILE A 31 7.61 -8.08 -6.79
N ILE A 32 6.74 -7.69 -7.72
CA ILE A 32 6.37 -8.54 -8.84
C ILE A 32 6.00 -9.94 -8.38
N SER A 2 -8.38 9.23 -3.12
CA SER A 2 -9.69 8.70 -2.68
C SER A 2 -10.52 9.79 -1.99
N ARG A 3 -11.60 9.37 -1.34
CA ARG A 3 -12.47 10.30 -0.64
C ARG A 3 -12.60 9.92 0.84
N ASN A 4 -12.63 10.94 1.70
CA ASN A 4 -12.75 10.71 3.14
C ASN A 4 -11.54 9.98 3.70
N ILE A 5 -11.43 8.70 3.38
CA ILE A 5 -10.32 7.88 3.85
C ILE A 5 -9.48 7.37 2.68
N PRO A 6 -8.31 8.00 2.43
CA PRO A 6 -7.43 7.60 1.33
C PRO A 6 -7.07 6.12 1.40
N ILE A 7 -6.79 5.53 0.23
CA ILE A 7 -6.43 4.12 0.16
C ILE A 7 -5.20 3.91 -0.71
N HIS A 8 -4.28 3.08 -0.23
CA HIS A 8 -3.05 2.78 -0.96
C HIS A 8 -3.16 1.45 -1.68
N SER A 9 -2.53 1.35 -2.85
CA SER A 9 -2.56 0.12 -3.63
C SER A 9 -1.17 -0.23 -4.15
N CYS A 10 -0.77 -1.49 -3.98
CA CYS A 10 0.53 -1.96 -4.43
C CYS A 10 0.52 -2.22 -5.93
N PRO A 11 1.27 -1.41 -6.70
CA PRO A 11 1.34 -1.54 -8.17
C PRO A 11 1.98 -2.86 -8.62
N LYS A 12 2.69 -3.52 -7.71
CA LYS A 12 3.35 -4.78 -8.03
C LYS A 12 2.33 -5.90 -8.22
N CYS A 13 1.47 -6.09 -7.24
CA CYS A 13 0.45 -7.14 -7.31
C CYS A 13 -0.95 -6.52 -7.28
N GLY A 14 -1.14 -5.53 -6.43
CA GLY A 14 -2.44 -4.88 -6.33
C GLY A 14 -3.12 -5.14 -4.99
N GLU A 15 -2.32 -5.38 -3.96
CA GLU A 15 -2.85 -5.64 -2.63
C GLU A 15 -3.38 -4.36 -2.00
N VAL A 16 -4.56 -4.45 -1.39
CA VAL A 16 -5.19 -3.30 -0.76
C VAL A 16 -4.50 -2.97 0.57
N LEU A 17 -3.84 -1.82 0.62
CA LEU A 17 -3.14 -1.39 1.83
C LEU A 17 -3.98 -0.38 2.60
N PRO A 18 -3.98 -0.45 3.95
CA PRO A 18 -4.73 0.46 4.79
C PRO A 18 -4.06 1.82 4.95
N ASP A 19 -2.74 1.81 5.15
CA ASP A 19 -1.99 3.04 5.32
C ASP A 19 -0.61 2.95 4.69
N ILE A 20 0.05 4.10 4.53
CA ILE A 20 1.38 4.15 3.95
C ILE A 20 2.37 3.32 4.75
N ASP A 21 2.27 3.42 6.07
CA ASP A 21 3.15 2.67 6.96
C ASP A 21 3.02 1.18 6.68
N THR A 22 1.78 0.72 6.55
CA THR A 22 1.50 -0.68 6.27
C THR A 22 1.90 -1.01 4.83
N LEU A 23 1.73 -0.02 3.96
CA LEU A 23 2.06 -0.17 2.54
C LEU A 23 3.57 -0.24 2.34
N GLN A 24 4.30 0.56 3.12
CA GLN A 24 5.75 0.59 3.03
C GLN A 24 6.35 -0.77 3.39
N ILE A 25 5.75 -1.44 4.36
CA ILE A 25 6.21 -2.75 4.78
C ILE A 25 5.94 -3.81 3.72
N HIS A 26 4.83 -3.65 3.01
CA HIS A 26 4.45 -4.59 1.96
C HIS A 26 5.39 -4.47 0.76
N VAL A 27 5.52 -3.26 0.24
CA VAL A 27 6.38 -3.00 -0.92
C VAL A 27 7.78 -3.52 -0.69
N MET A 28 8.34 -3.22 0.48
CA MET A 28 9.69 -3.65 0.82
C MET A 28 9.78 -5.18 0.82
N ASP A 29 8.70 -5.83 1.20
CA ASP A 29 8.65 -7.29 1.25
C ASP A 29 7.92 -7.86 0.03
N CYS A 30 7.61 -7.01 -0.94
CA CYS A 30 6.91 -7.43 -2.15
C CYS A 30 7.89 -7.65 -3.30
N ILE A 31 7.48 -8.45 -4.28
CA ILE A 31 8.32 -8.74 -5.43
C ILE A 31 8.37 -7.55 -6.38
N ILE A 32 9.54 -6.94 -6.50
CA ILE A 32 9.72 -5.79 -7.37
C ILE A 32 10.26 -6.20 -8.74
N SER A 2 -17.09 7.38 8.44
CA SER A 2 -15.75 7.89 8.85
C SER A 2 -15.11 8.74 7.75
N ARG A 3 -14.11 9.52 8.13
CA ARG A 3 -13.43 10.38 7.18
C ARG A 3 -11.92 10.41 7.46
N ASN A 4 -11.17 11.07 6.59
CA ASN A 4 -9.72 11.17 6.74
C ASN A 4 -9.08 9.80 6.72
N ILE A 5 -9.55 8.94 5.81
CA ILE A 5 -9.01 7.59 5.68
C ILE A 5 -8.25 7.41 4.38
N PRO A 6 -6.90 7.46 4.41
CA PRO A 6 -6.07 7.30 3.21
C PRO A 6 -6.17 5.90 2.63
N ILE A 7 -5.88 5.78 1.34
CA ILE A 7 -5.93 4.49 0.66
C ILE A 7 -4.69 4.27 -0.20
N HIS A 8 -4.08 3.11 -0.06
CA HIS A 8 -2.88 2.76 -0.82
C HIS A 8 -2.97 1.34 -1.36
N SER A 9 -2.53 1.15 -2.59
CA SER A 9 -2.56 -0.15 -3.22
C SER A 9 -1.23 -0.46 -3.92
N CYS A 10 -0.79 -1.70 -3.83
CA CYS A 10 0.46 -2.12 -4.45
C CYS A 10 0.27 -2.34 -5.95
N PRO A 11 0.98 -1.56 -6.79
CA PRO A 11 0.88 -1.68 -8.24
C PRO A 11 1.62 -2.88 -8.81
N LYS A 12 2.51 -3.48 -8.00
CA LYS A 12 3.28 -4.63 -8.43
C LYS A 12 2.39 -5.86 -8.59
N CYS A 13 1.44 -6.02 -7.67
CA CYS A 13 0.53 -7.16 -7.71
C CYS A 13 -0.92 -6.72 -7.54
N GLY A 14 -1.17 -5.91 -6.53
CA GLY A 14 -2.52 -5.42 -6.28
C GLY A 14 -3.02 -5.80 -4.90
N GLU A 15 -2.40 -5.23 -3.87
CA GLU A 15 -2.79 -5.50 -2.49
C GLU A 15 -3.36 -4.25 -1.83
N VAL A 16 -4.47 -4.41 -1.13
CA VAL A 16 -5.12 -3.30 -0.45
C VAL A 16 -4.33 -2.88 0.79
N LEU A 17 -3.94 -1.61 0.85
CA LEU A 17 -3.18 -1.10 1.97
C LEU A 17 -3.87 0.11 2.60
N PRO A 18 -4.50 -0.09 3.78
CA PRO A 18 -5.21 0.98 4.49
C PRO A 18 -4.40 2.26 4.62
N ASP A 19 -3.10 2.13 4.85
CA ASP A 19 -2.24 3.31 5.01
C ASP A 19 -0.89 3.10 4.34
N ILE A 20 -0.04 4.13 4.44
CA ILE A 20 1.30 4.09 3.86
C ILE A 20 2.22 3.20 4.69
N ASP A 21 2.04 3.23 5.99
CA ASP A 21 2.86 2.44 6.90
C ASP A 21 2.74 0.96 6.55
N THR A 22 1.51 0.49 6.36
CA THR A 22 1.27 -0.90 6.00
C THR A 22 1.74 -1.15 4.57
N LEU A 23 1.61 -0.12 3.73
CA LEU A 23 2.02 -0.21 2.33
C LEU A 23 3.54 -0.27 2.21
N GLN A 24 4.22 0.48 3.06
CA GLN A 24 5.69 0.52 3.05
C GLN A 24 6.26 -0.85 3.39
N ILE A 25 5.72 -1.50 4.41
CA ILE A 25 6.18 -2.81 4.82
C ILE A 25 5.95 -3.84 3.72
N HIS A 26 4.87 -3.66 2.97
CA HIS A 26 4.54 -4.59 1.88
C HIS A 26 5.52 -4.44 0.73
N VAL A 27 5.66 -3.22 0.21
CA VAL A 27 6.56 -2.95 -0.89
C VAL A 27 8.00 -3.33 -0.53
N MET A 28 8.33 -3.24 0.75
CA MET A 28 9.66 -3.59 1.22
C MET A 28 9.92 -5.08 1.10
N ASP A 29 8.87 -5.88 1.26
CA ASP A 29 8.98 -7.33 1.18
C ASP A 29 8.22 -7.87 -0.03
N CYS A 30 7.91 -7.00 -0.99
CA CYS A 30 7.20 -7.40 -2.19
C CYS A 30 8.16 -7.63 -3.35
N ILE A 31 7.72 -8.43 -4.32
CA ILE A 31 8.54 -8.74 -5.49
C ILE A 31 8.71 -7.50 -6.37
N ILE A 32 9.93 -6.97 -6.42
CA ILE A 32 10.22 -5.79 -7.22
C ILE A 32 9.99 -6.06 -8.70
N SER A 2 -19.19 14.58 -1.34
CA SER A 2 -17.93 15.35 -1.13
C SER A 2 -17.08 14.71 -0.04
N ARG A 3 -16.23 13.77 -0.44
CA ARG A 3 -15.35 13.09 0.50
C ARG A 3 -14.16 12.47 -0.22
N ASN A 4 -12.95 12.86 0.20
CA ASN A 4 -11.73 12.34 -0.40
C ASN A 4 -10.87 11.64 0.64
N ILE A 5 -10.37 10.46 0.28
CA ILE A 5 -9.53 9.68 1.18
C ILE A 5 -8.26 9.22 0.47
N PRO A 6 -7.17 8.99 1.24
CA PRO A 6 -5.90 8.54 0.68
C PRO A 6 -5.99 7.14 0.08
N ILE A 7 -5.00 6.79 -0.74
CA ILE A 7 -4.98 5.48 -1.38
C ILE A 7 -3.87 4.60 -0.80
N HIS A 8 -4.14 3.30 -0.74
CA HIS A 8 -3.16 2.34 -0.21
C HIS A 8 -3.23 1.03 -0.96
N SER A 9 -2.67 1.00 -2.16
CA SER A 9 -2.67 -0.21 -2.98
C SER A 9 -1.29 -0.48 -3.57
N CYS A 10 -0.91 -1.74 -3.63
CA CYS A 10 0.38 -2.13 -4.18
C CYS A 10 0.31 -2.24 -5.70
N PRO A 11 1.16 -1.48 -6.42
CA PRO A 11 1.18 -1.49 -7.89
C PRO A 11 1.89 -2.72 -8.46
N LYS A 12 2.69 -3.39 -7.64
CA LYS A 12 3.43 -4.56 -8.07
C LYS A 12 2.48 -5.74 -8.31
N CYS A 13 1.44 -5.84 -7.50
CA CYS A 13 0.47 -6.92 -7.63
C CYS A 13 -0.96 -6.38 -7.60
N GLY A 14 -1.26 -5.57 -6.59
CA GLY A 14 -2.60 -5.01 -6.47
C GLY A 14 -3.28 -5.38 -5.17
N GLU A 15 -2.50 -5.47 -4.09
CA GLU A 15 -3.03 -5.82 -2.79
C GLU A 15 -3.55 -4.59 -2.06
N VAL A 16 -4.73 -4.72 -1.46
CA VAL A 16 -5.33 -3.61 -0.72
C VAL A 16 -4.62 -3.39 0.61
N LEU A 17 -4.29 -2.14 0.89
CA LEU A 17 -3.60 -1.81 2.13
C LEU A 17 -4.39 -0.81 2.96
N PRO A 18 -4.13 -0.74 4.28
CA PRO A 18 -4.83 0.16 5.18
C PRO A 18 -4.21 1.55 5.25
N ASP A 19 -2.88 1.62 5.20
CA ASP A 19 -2.19 2.91 5.26
C ASP A 19 -0.84 2.86 4.54
N ILE A 20 -0.14 3.99 4.53
CA ILE A 20 1.16 4.09 3.89
C ILE A 20 2.22 3.31 4.65
N ASP A 21 2.17 3.39 5.97
CA ASP A 21 3.11 2.67 6.82
C ASP A 21 3.02 1.18 6.53
N THR A 22 1.79 0.68 6.46
CA THR A 22 1.54 -0.72 6.17
C THR A 22 1.89 -1.02 4.72
N LEU A 23 1.65 -0.04 3.86
CA LEU A 23 1.94 -0.16 2.44
C LEU A 23 3.44 -0.21 2.19
N GLN A 24 4.18 0.58 2.96
CA GLN A 24 5.64 0.64 2.83
C GLN A 24 6.26 -0.71 3.18
N ILE A 25 5.80 -1.30 4.27
CA ILE A 25 6.32 -2.59 4.72
C ILE A 25 6.05 -3.67 3.67
N HIS A 26 4.93 -3.54 2.97
CA HIS A 26 4.56 -4.49 1.93
C HIS A 26 5.47 -4.37 0.72
N VAL A 27 5.56 -3.15 0.18
CA VAL A 27 6.40 -2.90 -0.98
C VAL A 27 7.85 -3.26 -0.70
N MET A 28 8.26 -3.15 0.57
CA MET A 28 9.61 -3.47 0.97
C MET A 28 9.85 -4.97 0.93
N ASP A 29 8.80 -5.74 1.20
CA ASP A 29 8.89 -7.20 1.20
C ASP A 29 8.12 -7.80 0.02
N CYS A 30 7.75 -6.97 -0.94
CA CYS A 30 7.01 -7.42 -2.11
C CYS A 30 7.94 -7.63 -3.30
N ILE A 31 7.51 -8.47 -4.24
CA ILE A 31 8.31 -8.75 -5.42
C ILE A 31 8.34 -7.55 -6.36
N ILE A 32 9.55 -7.15 -6.76
CA ILE A 32 9.72 -6.00 -7.65
C ILE A 32 9.44 -6.40 -9.09
N SER A 2 -8.40 20.11 4.01
CA SER A 2 -9.38 19.90 2.92
C SER A 2 -8.70 19.38 1.66
N ARG A 3 -8.41 18.09 1.64
CA ARG A 3 -7.76 17.47 0.48
C ARG A 3 -7.97 15.96 0.49
N ASN A 4 -8.35 15.42 -0.66
CA ASN A 4 -8.57 13.98 -0.79
C ASN A 4 -7.31 13.19 -0.50
N ILE A 5 -7.46 12.07 0.20
CA ILE A 5 -6.32 11.23 0.55
C ILE A 5 -6.58 9.77 0.18
N PRO A 6 -6.41 9.41 -1.10
CA PRO A 6 -6.64 8.04 -1.57
C PRO A 6 -5.83 7.02 -0.79
N ILE A 7 -6.35 5.79 -0.71
CA ILE A 7 -5.67 4.72 0.02
C ILE A 7 -4.46 4.22 -0.75
N HIS A 8 -3.52 3.60 -0.04
CA HIS A 8 -2.31 3.08 -0.66
C HIS A 8 -2.52 1.65 -1.15
N SER A 9 -2.17 1.40 -2.40
CA SER A 9 -2.32 0.08 -2.98
C SER A 9 -1.05 -0.32 -3.75
N CYS A 10 -0.73 -1.61 -3.70
CA CYS A 10 0.46 -2.11 -4.40
C CYS A 10 0.18 -2.30 -5.89
N PRO A 11 1.00 -1.68 -6.76
CA PRO A 11 0.83 -1.77 -8.21
C PRO A 11 1.41 -3.05 -8.80
N LYS A 12 2.25 -3.74 -8.03
CA LYS A 12 2.88 -4.97 -8.50
C LYS A 12 1.86 -6.10 -8.60
N CYS A 13 1.12 -6.32 -7.51
CA CYS A 13 0.10 -7.37 -7.48
C CYS A 13 -1.30 -6.79 -7.36
N GLY A 14 -1.45 -5.80 -6.49
CA GLY A 14 -2.74 -5.18 -6.29
C GLY A 14 -3.28 -5.39 -4.89
N GLU A 15 -2.38 -5.51 -3.92
CA GLU A 15 -2.78 -5.71 -2.54
C GLU A 15 -3.31 -4.42 -1.92
N VAL A 16 -4.44 -4.51 -1.24
CA VAL A 16 -5.05 -3.34 -0.61
C VAL A 16 -4.37 -3.03 0.72
N LEU A 17 -3.82 -1.83 0.84
CA LEU A 17 -3.14 -1.42 2.06
C LEU A 17 -3.87 -0.23 2.70
N PRO A 18 -4.49 -0.44 3.87
CA PRO A 18 -5.22 0.62 4.58
C PRO A 18 -4.46 1.94 4.63
N ASP A 19 -3.18 1.89 4.99
CA ASP A 19 -2.36 3.09 5.08
C ASP A 19 -1.01 2.92 4.37
N ILE A 20 -0.17 3.94 4.47
CA ILE A 20 1.16 3.92 3.86
C ILE A 20 2.13 3.14 4.75
N ASP A 21 1.94 3.25 6.05
CA ASP A 21 2.79 2.54 7.01
C ASP A 21 2.76 1.05 6.72
N THR A 22 1.56 0.53 6.53
CA THR A 22 1.38 -0.88 6.20
C THR A 22 1.94 -1.14 4.80
N LEU A 23 1.81 -0.13 3.95
CA LEU A 23 2.27 -0.20 2.58
C LEU A 23 3.78 -0.30 2.49
N GLN A 24 4.47 0.56 3.23
CA GLN A 24 5.93 0.57 3.24
C GLN A 24 6.45 -0.83 3.53
N ILE A 25 5.74 -1.54 4.40
CA ILE A 25 6.10 -2.90 4.76
C ILE A 25 5.80 -3.86 3.61
N HIS A 26 4.79 -3.52 2.81
CA HIS A 26 4.40 -4.36 1.69
C HIS A 26 5.45 -4.30 0.58
N VAL A 27 5.74 -3.09 0.12
CA VAL A 27 6.72 -2.90 -0.95
C VAL A 27 8.11 -3.36 -0.52
N MET A 28 8.38 -3.28 0.78
CA MET A 28 9.68 -3.70 1.31
C MET A 28 9.86 -5.22 1.20
N ASP A 29 8.74 -5.94 1.20
CA ASP A 29 8.79 -7.40 1.11
C ASP A 29 8.31 -7.89 -0.26
N CYS A 30 7.52 -7.05 -0.94
CA CYS A 30 7.01 -7.41 -2.26
C CYS A 30 8.08 -7.23 -3.33
N ILE A 31 7.97 -8.03 -4.39
CA ILE A 31 8.94 -7.97 -5.49
C ILE A 31 8.82 -6.65 -6.24
N ILE A 32 9.96 -6.12 -6.68
CA ILE A 32 9.99 -4.87 -7.43
C ILE A 32 10.63 -5.05 -8.80
N SER A 2 -19.47 11.63 5.21
CA SER A 2 -18.72 12.48 6.18
C SER A 2 -17.51 11.72 6.73
N ARG A 3 -16.84 10.97 5.86
CA ARG A 3 -15.67 10.20 6.25
C ARG A 3 -14.66 10.13 5.12
N ASN A 4 -13.65 11.00 5.16
CA ASN A 4 -12.62 11.03 4.13
C ASN A 4 -11.40 10.22 4.56
N ILE A 5 -11.25 9.03 4.01
CA ILE A 5 -10.12 8.16 4.34
C ILE A 5 -9.45 7.62 3.07
N PRO A 6 -8.27 8.16 2.73
CA PRO A 6 -7.52 7.73 1.53
C PRO A 6 -7.02 6.30 1.66
N ILE A 7 -7.03 5.56 0.55
CA ILE A 7 -6.58 4.18 0.53
C ILE A 7 -5.41 4.00 -0.42
N HIS A 8 -4.47 3.13 -0.04
CA HIS A 8 -3.29 2.87 -0.87
C HIS A 8 -3.30 1.44 -1.39
N SER A 9 -2.80 1.24 -2.60
CA SER A 9 -2.75 -0.07 -3.21
C SER A 9 -1.40 -0.33 -3.85
N CYS A 10 -0.94 -1.58 -3.77
CA CYS A 10 0.34 -1.97 -4.35
C CYS A 10 0.23 -2.15 -5.86
N PRO A 11 1.04 -1.42 -6.64
CA PRO A 11 1.01 -1.51 -8.11
C PRO A 11 1.75 -2.73 -8.65
N LYS A 12 2.56 -3.36 -7.81
CA LYS A 12 3.32 -4.54 -8.22
C LYS A 12 2.40 -5.74 -8.45
N CYS A 13 1.58 -6.06 -7.45
CA CYS A 13 0.66 -7.18 -7.55
C CYS A 13 -0.79 -6.72 -7.48
N GLY A 14 -1.05 -5.71 -6.65
CA GLY A 14 -2.40 -5.20 -6.52
C GLY A 14 -2.95 -5.37 -5.11
N GLU A 15 -2.06 -5.55 -4.14
CA GLU A 15 -2.46 -5.72 -2.75
C GLU A 15 -3.04 -4.43 -2.18
N VAL A 16 -4.16 -4.55 -1.48
CA VAL A 16 -4.81 -3.38 -0.89
C VAL A 16 -4.16 -2.99 0.43
N LEU A 17 -3.66 -1.76 0.49
CA LEU A 17 -3.00 -1.27 1.70
C LEU A 17 -3.85 -0.19 2.38
N PRO A 18 -3.92 -0.20 3.71
CA PRO A 18 -4.70 0.77 4.47
C PRO A 18 -3.98 2.10 4.66
N ASP A 19 -2.68 2.04 4.96
CA ASP A 19 -1.90 3.25 5.16
C ASP A 19 -0.49 3.11 4.57
N ILE A 20 0.24 4.22 4.56
CA ILE A 20 1.61 4.23 4.03
C ILE A 20 2.52 3.35 4.87
N ASP A 21 2.31 3.35 6.18
CA ASP A 21 3.10 2.54 7.09
C ASP A 21 2.95 1.07 6.73
N THR A 22 1.70 0.65 6.54
CA THR A 22 1.38 -0.72 6.18
C THR A 22 1.82 -1.00 4.74
N LEU A 23 1.68 0.02 3.90
CA LEU A 23 2.05 -0.08 2.50
C LEU A 23 3.57 -0.15 2.34
N GLN A 24 4.29 0.60 3.16
CA GLN A 24 5.74 0.62 3.11
C GLN A 24 6.32 -0.77 3.42
N ILE A 25 5.72 -1.45 4.39
CA ILE A 25 6.16 -2.78 4.78
C ILE A 25 5.93 -3.79 3.67
N HIS A 26 4.79 -3.68 3.00
CA HIS A 26 4.44 -4.58 1.91
C HIS A 26 5.42 -4.43 0.75
N VAL A 27 5.54 -3.20 0.26
CA VAL A 27 6.44 -2.92 -0.86
C VAL A 27 7.88 -3.32 -0.54
N MET A 28 8.22 -3.25 0.74
CA MET A 28 9.57 -3.61 1.18
C MET A 28 9.82 -5.10 1.03
N ASP A 29 8.78 -5.90 1.24
CA ASP A 29 8.89 -7.35 1.11
C ASP A 29 8.04 -7.88 -0.04
N CYS A 30 7.72 -7.02 -0.99
CA CYS A 30 6.91 -7.40 -2.13
C CYS A 30 7.79 -7.85 -3.30
N ILE A 31 7.22 -8.66 -4.19
CA ILE A 31 7.95 -9.16 -5.34
C ILE A 31 8.19 -8.06 -6.36
N ILE A 32 9.43 -7.59 -6.43
CA ILE A 32 9.81 -6.53 -7.35
C ILE A 32 9.78 -7.03 -8.79
N SER A 2 -9.11 21.23 -2.32
CA SER A 2 -7.85 20.46 -2.47
C SER A 2 -7.70 19.42 -1.38
N ARG A 3 -8.83 18.81 -0.99
CA ARG A 3 -8.82 17.79 0.05
C ARG A 3 -9.07 16.41 -0.54
N ASN A 4 -7.99 15.73 -0.91
CA ASN A 4 -8.08 14.39 -1.49
C ASN A 4 -7.89 13.32 -0.42
N ILE A 5 -8.14 12.07 -0.79
CA ILE A 5 -7.99 10.96 0.14
C ILE A 5 -6.76 10.12 -0.19
N PRO A 6 -6.12 9.52 0.83
CA PRO A 6 -4.93 8.70 0.64
C PRO A 6 -5.24 7.36 -0.03
N ILE A 7 -4.28 6.84 -0.78
CA ILE A 7 -4.47 5.56 -1.47
C ILE A 7 -3.62 4.47 -0.82
N HIS A 8 -4.00 3.22 -1.03
CA HIS A 8 -3.27 2.09 -0.47
C HIS A 8 -3.32 0.89 -1.42
N SER A 9 -2.51 0.95 -2.47
CA SER A 9 -2.47 -0.12 -3.46
C SER A 9 -1.04 -0.50 -3.81
N CYS A 10 -0.69 -1.77 -3.67
CA CYS A 10 0.65 -2.26 -3.98
C CYS A 10 0.80 -2.43 -5.49
N PRO A 11 1.66 -1.62 -6.12
CA PRO A 11 1.90 -1.67 -7.57
C PRO A 11 2.44 -3.03 -8.03
N LYS A 12 3.02 -3.79 -7.10
CA LYS A 12 3.58 -5.10 -7.44
C LYS A 12 2.48 -6.10 -7.79
N CYS A 13 1.52 -6.26 -6.87
CA CYS A 13 0.42 -7.19 -7.09
C CYS A 13 -0.91 -6.46 -7.21
N GLY A 14 -1.14 -5.51 -6.32
CA GLY A 14 -2.37 -4.74 -6.34
C GLY A 14 -3.25 -5.01 -5.14
N GLU A 15 -2.62 -5.40 -4.04
CA GLU A 15 -3.34 -5.69 -2.80
C GLU A 15 -3.71 -4.40 -2.08
N VAL A 16 -4.96 -4.33 -1.62
CA VAL A 16 -5.45 -3.15 -0.90
C VAL A 16 -4.87 -3.10 0.51
N LEU A 17 -3.92 -2.19 0.72
CA LEU A 17 -3.28 -2.03 2.02
C LEU A 17 -4.08 -1.08 2.90
N PRO A 18 -3.83 -1.11 4.23
CA PRO A 18 -4.53 -0.25 5.19
C PRO A 18 -4.04 1.20 5.14
N ASP A 19 -2.73 1.39 5.23
CA ASP A 19 -2.15 2.73 5.19
C ASP A 19 -0.78 2.71 4.53
N ILE A 20 -0.20 3.89 4.36
CA ILE A 20 1.12 4.02 3.75
C ILE A 20 2.19 3.35 4.60
N ASP A 21 2.02 3.41 5.92
CA ASP A 21 2.97 2.81 6.84
C ASP A 21 2.96 1.29 6.65
N THR A 22 1.77 0.72 6.69
CA THR A 22 1.60 -0.72 6.52
C THR A 22 1.88 -1.11 5.08
N LEU A 23 1.54 -0.20 4.17
CA LEU A 23 1.75 -0.42 2.74
C LEU A 23 3.22 -0.37 2.40
N GLN A 24 3.95 0.53 3.05
CA GLN A 24 5.38 0.68 2.82
C GLN A 24 6.12 -0.62 3.12
N ILE A 25 5.70 -1.30 4.18
CA ILE A 25 6.33 -2.55 4.58
C ILE A 25 6.00 -3.67 3.59
N HIS A 26 4.78 -3.64 3.06
CA HIS A 26 4.35 -4.65 2.09
C HIS A 26 5.17 -4.56 0.81
N VAL A 27 5.24 -3.36 0.24
CA VAL A 27 5.98 -3.14 -0.99
C VAL A 27 7.48 -3.32 -0.76
N MET A 28 7.93 -3.00 0.44
CA MET A 28 9.35 -3.13 0.78
C MET A 28 9.84 -4.56 0.58
N ASP A 29 8.94 -5.52 0.80
CA ASP A 29 9.28 -6.93 0.63
C ASP A 29 8.56 -7.52 -0.58
N CYS A 30 7.46 -6.90 -0.98
CA CYS A 30 6.68 -7.37 -2.12
C CYS A 30 7.21 -6.77 -3.42
N ILE A 31 7.25 -7.59 -4.46
CA ILE A 31 7.74 -7.14 -5.77
C ILE A 31 7.09 -7.96 -6.89
N ILE A 32 6.95 -7.33 -8.06
CA ILE A 32 6.35 -7.99 -9.21
C ILE A 32 4.93 -8.46 -8.90
N SER A 2 -1.61 17.12 5.22
CA SER A 2 -1.11 16.69 3.88
C SER A 2 -2.04 15.66 3.25
N ARG A 3 -2.46 15.91 2.01
CA ARG A 3 -3.36 15.01 1.31
C ARG A 3 -4.70 14.90 2.02
N ASN A 4 -5.77 14.77 1.25
CA ASN A 4 -7.11 14.65 1.80
C ASN A 4 -7.67 13.25 1.59
N ILE A 5 -7.26 12.61 0.51
CA ILE A 5 -7.72 11.26 0.20
C ILE A 5 -6.55 10.27 0.16
N PRO A 6 -6.29 9.59 1.28
CA PRO A 6 -5.19 8.61 1.37
C PRO A 6 -5.44 7.39 0.50
N ILE A 7 -4.38 6.90 -0.15
CA ILE A 7 -4.48 5.73 -1.01
C ILE A 7 -3.64 4.58 -0.48
N HIS A 8 -4.15 3.36 -0.60
CA HIS A 8 -3.45 2.18 -0.13
C HIS A 8 -3.50 1.07 -1.19
N SER A 9 -2.67 1.21 -2.22
CA SER A 9 -2.63 0.21 -3.29
C SER A 9 -1.19 -0.13 -3.66
N CYS A 10 -0.85 -1.42 -3.53
CA CYS A 10 0.49 -1.88 -3.86
C CYS A 10 0.66 -2.04 -5.37
N PRO A 11 1.64 -1.34 -5.97
CA PRO A 11 1.88 -1.39 -7.42
C PRO A 11 2.54 -2.70 -7.86
N LYS A 12 3.10 -3.43 -6.91
CA LYS A 12 3.77 -4.70 -7.22
C LYS A 12 2.75 -5.77 -7.63
N CYS A 13 1.75 -5.99 -6.77
CA CYS A 13 0.72 -6.98 -7.04
C CYS A 13 -0.64 -6.32 -7.25
N GLY A 14 -0.98 -5.40 -6.35
CA GLY A 14 -2.26 -4.71 -6.44
C GLY A 14 -3.15 -4.97 -5.24
N GLU A 15 -2.57 -5.54 -4.19
CA GLU A 15 -3.33 -5.83 -2.97
C GLU A 15 -3.70 -4.55 -2.23
N VAL A 16 -4.94 -4.45 -1.80
CA VAL A 16 -5.42 -3.28 -1.08
C VAL A 16 -4.88 -3.24 0.35
N LEU A 17 -3.95 -2.33 0.60
CA LEU A 17 -3.35 -2.20 1.93
C LEU A 17 -4.21 -1.30 2.83
N PRO A 18 -3.97 -1.34 4.14
CA PRO A 18 -4.74 -0.53 5.10
C PRO A 18 -4.23 0.91 5.19
N ASP A 19 -2.92 1.07 5.34
CA ASP A 19 -2.32 2.41 5.44
C ASP A 19 -1.00 2.49 4.69
N ILE A 20 -0.53 3.72 4.48
CA ILE A 20 0.72 3.96 3.78
C ILE A 20 1.89 3.29 4.49
N ASP A 21 1.90 3.41 5.81
CA ASP A 21 2.96 2.81 6.62
C ASP A 21 3.01 1.31 6.37
N THR A 22 1.85 0.67 6.37
CA THR A 22 1.76 -0.75 6.12
C THR A 22 2.06 -1.05 4.65
N LEU A 23 1.67 -0.13 3.79
CA LEU A 23 1.88 -0.26 2.36
C LEU A 23 3.37 -0.12 2.03
N GLN A 24 4.04 0.78 2.72
CA GLN A 24 5.46 1.01 2.50
C GLN A 24 6.28 -0.24 2.80
N ILE A 25 5.97 -0.88 3.93
CA ILE A 25 6.68 -2.10 4.34
C ILE A 25 6.33 -3.26 3.41
N HIS A 26 5.07 -3.32 3.00
CA HIS A 26 4.61 -4.39 2.11
C HIS A 26 5.35 -4.33 0.77
N VAL A 27 5.29 -3.17 0.11
CA VAL A 27 5.95 -2.99 -1.17
C VAL A 27 7.44 -3.29 -1.07
N MET A 28 8.03 -3.01 0.09
CA MET A 28 9.45 -3.25 0.31
C MET A 28 9.74 -4.74 0.39
N ASP A 29 8.77 -5.51 0.87
CA ASP A 29 8.92 -6.96 0.99
C ASP A 29 8.00 -7.70 0.01
N CYS A 30 7.57 -6.99 -1.03
CA CYS A 30 6.69 -7.58 -2.03
C CYS A 30 7.49 -8.02 -3.26
N ILE A 31 6.91 -8.95 -4.03
CA ILE A 31 7.56 -9.45 -5.23
C ILE A 31 7.64 -8.36 -6.30
N ILE A 32 8.84 -8.17 -6.86
CA ILE A 32 9.04 -7.17 -7.89
C ILE A 32 8.36 -7.56 -9.19
N SER A 2 -12.90 18.76 3.69
CA SER A 2 -11.42 18.72 3.52
C SER A 2 -10.81 17.55 4.28
N ARG A 3 -10.17 16.65 3.55
CA ARG A 3 -9.54 15.48 4.16
C ARG A 3 -8.29 15.07 3.38
N ASN A 4 -7.23 14.76 4.12
CA ASN A 4 -5.97 14.35 3.51
C ASN A 4 -5.67 12.87 3.77
N ILE A 5 -6.20 12.01 2.93
CA ILE A 5 -6.00 10.57 3.07
C ILE A 5 -5.51 9.94 1.76
N PRO A 6 -4.20 9.67 1.64
CA PRO A 6 -3.64 9.08 0.43
C PRO A 6 -4.09 7.63 0.22
N ILE A 7 -3.94 7.14 -1.00
CA ILE A 7 -4.33 5.78 -1.33
C ILE A 7 -3.29 4.78 -0.85
N HIS A 8 -3.70 3.52 -0.72
CA HIS A 8 -2.80 2.46 -0.26
C HIS A 8 -2.98 1.20 -1.09
N SER A 9 -2.36 1.17 -2.26
CA SER A 9 -2.45 0.02 -3.16
C SER A 9 -1.08 -0.36 -3.70
N CYS A 10 -0.75 -1.65 -3.59
CA CYS A 10 0.52 -2.16 -4.07
C CYS A 10 0.50 -2.34 -5.59
N PRO A 11 1.27 -1.52 -6.33
CA PRO A 11 1.32 -1.61 -7.80
C PRO A 11 1.94 -2.90 -8.30
N LYS A 12 2.68 -3.59 -7.44
CA LYS A 12 3.32 -4.85 -7.81
C LYS A 12 2.29 -5.95 -8.02
N CYS A 13 1.40 -6.12 -7.05
CA CYS A 13 0.37 -7.15 -7.12
C CYS A 13 -1.02 -6.52 -7.17
N GLY A 14 -1.27 -5.57 -6.27
CA GLY A 14 -2.56 -4.92 -6.22
C GLY A 14 -3.32 -5.22 -4.96
N GLU A 15 -2.60 -5.50 -3.88
CA GLU A 15 -3.22 -5.81 -2.60
C GLU A 15 -3.80 -4.56 -1.95
N VAL A 16 -5.02 -4.67 -1.45
CA VAL A 16 -5.68 -3.54 -0.81
C VAL A 16 -5.09 -3.26 0.57
N LEU A 17 -4.37 -2.16 0.68
CA LEU A 17 -3.73 -1.78 1.94
C LEU A 17 -4.56 -0.72 2.66
N PRO A 18 -4.54 -0.73 4.01
CA PRO A 18 -5.29 0.22 4.82
C PRO A 18 -4.53 1.53 5.06
N ASP A 19 -3.22 1.42 5.28
CA ASP A 19 -2.42 2.61 5.54
C ASP A 19 -1.08 2.56 4.79
N ILE A 20 -0.42 3.71 4.70
CA ILE A 20 0.87 3.80 4.02
C ILE A 20 1.96 3.12 4.81
N ASP A 21 1.73 2.95 6.12
CA ASP A 21 2.70 2.31 6.98
C ASP A 21 2.88 0.85 6.59
N THR A 22 1.77 0.15 6.46
CA THR A 22 1.78 -1.25 6.07
C THR A 22 2.17 -1.37 4.59
N LEU A 23 1.63 -0.45 3.79
CA LEU A 23 1.91 -0.42 2.36
C LEU A 23 3.40 -0.22 2.10
N GLN A 24 4.02 0.60 2.93
CA GLN A 24 5.46 0.88 2.79
C GLN A 24 6.27 -0.38 3.06
N ILE A 25 5.99 -1.04 4.16
CA ILE A 25 6.69 -2.27 4.53
C ILE A 25 6.39 -3.38 3.55
N HIS A 26 5.18 -3.38 3.00
CA HIS A 26 4.76 -4.39 2.04
C HIS A 26 5.56 -4.27 0.75
N VAL A 27 5.53 -3.08 0.14
CA VAL A 27 6.25 -2.84 -1.09
C VAL A 27 7.74 -3.13 -0.94
N MET A 28 8.25 -2.93 0.27
CA MET A 28 9.66 -3.16 0.55
C MET A 28 9.96 -4.67 0.58
N ASP A 29 8.97 -5.45 0.98
CA ASP A 29 9.13 -6.90 1.05
C ASP A 29 8.32 -7.60 -0.03
N CYS A 30 7.81 -6.84 -1.00
CA CYS A 30 7.02 -7.40 -2.09
C CYS A 30 7.88 -7.57 -3.34
N ILE A 31 7.44 -8.47 -4.23
CA ILE A 31 8.16 -8.72 -5.47
C ILE A 31 8.06 -7.54 -6.42
N ILE A 32 9.19 -6.87 -6.66
CA ILE A 32 9.23 -5.72 -7.55
C ILE A 32 10.05 -6.02 -8.80
N SER A 2 -9.09 16.58 10.52
CA SER A 2 -10.08 16.22 9.47
C SER A 2 -9.40 15.62 8.25
N ARG A 3 -8.35 14.84 8.49
CA ARG A 3 -7.61 14.21 7.40
C ARG A 3 -7.82 12.69 7.41
N ASN A 4 -8.70 12.22 6.54
CA ASN A 4 -9.00 10.80 6.44
C ASN A 4 -7.75 10.00 6.07
N ILE A 5 -7.92 8.68 5.94
CA ILE A 5 -6.81 7.81 5.58
C ILE A 5 -6.97 7.25 4.17
N PRO A 6 -6.21 7.78 3.20
CA PRO A 6 -6.29 7.31 1.81
C PRO A 6 -6.08 5.81 1.69
N ILE A 7 -6.45 5.25 0.54
CA ILE A 7 -6.30 3.83 0.30
C ILE A 7 -5.13 3.54 -0.62
N HIS A 8 -4.02 3.10 -0.04
CA HIS A 8 -2.82 2.79 -0.81
C HIS A 8 -2.94 1.41 -1.45
N SER A 9 -2.56 1.32 -2.72
CA SER A 9 -2.62 0.06 -3.45
C SER A 9 -1.26 -0.29 -4.06
N CYS A 10 -0.87 -1.55 -3.92
CA CYS A 10 0.41 -2.01 -4.46
C CYS A 10 0.30 -2.26 -5.96
N PRO A 11 1.10 -1.55 -6.78
CA PRO A 11 1.08 -1.70 -8.23
C PRO A 11 1.77 -2.97 -8.72
N LYS A 12 2.56 -3.58 -7.84
CA LYS A 12 3.28 -4.81 -8.18
C LYS A 12 2.32 -5.98 -8.34
N CYS A 13 1.33 -6.06 -7.45
CA CYS A 13 0.34 -7.14 -7.51
C CYS A 13 -1.08 -6.59 -7.49
N GLY A 14 -1.32 -5.61 -6.62
CA GLY A 14 -2.64 -5.01 -6.53
C GLY A 14 -3.30 -5.27 -5.20
N GLU A 15 -2.50 -5.34 -4.14
CA GLU A 15 -3.01 -5.59 -2.80
C GLU A 15 -3.41 -4.27 -2.12
N VAL A 16 -4.59 -4.27 -1.50
CA VAL A 16 -5.08 -3.08 -0.81
C VAL A 16 -4.34 -2.86 0.51
N LEU A 17 -3.72 -1.69 0.64
CA LEU A 17 -2.98 -1.36 1.84
C LEU A 17 -3.72 -0.31 2.68
N PRO A 18 -3.95 -0.60 3.98
CA PRO A 18 -4.66 0.32 4.87
C PRO A 18 -4.05 1.73 4.88
N ASP A 19 -2.73 1.82 4.97
CA ASP A 19 -2.06 3.12 4.99
C ASP A 19 -0.65 3.03 4.42
N ILE A 20 0.04 4.17 4.40
CA ILE A 20 1.40 4.24 3.89
C ILE A 20 2.36 3.44 4.74
N ASP A 21 2.22 3.56 6.05
CA ASP A 21 3.08 2.84 6.98
C ASP A 21 2.98 1.34 6.73
N THR A 22 1.75 0.86 6.62
CA THR A 22 1.50 -0.54 6.35
C THR A 22 1.90 -0.89 4.93
N LEU A 23 1.74 0.07 4.03
CA LEU A 23 2.08 -0.10 2.63
C LEU A 23 3.59 -0.19 2.45
N GLN A 24 4.32 0.60 3.21
CA GLN A 24 5.78 0.62 3.15
C GLN A 24 6.34 -0.76 3.47
N ILE A 25 5.70 -1.46 4.40
CA ILE A 25 6.14 -2.79 4.81
C ILE A 25 5.85 -3.81 3.71
N HIS A 26 4.77 -3.59 2.97
CA HIS A 26 4.38 -4.50 1.90
C HIS A 26 5.35 -4.42 0.73
N VAL A 27 5.55 -3.20 0.21
CA VAL A 27 6.45 -3.00 -0.91
C VAL A 27 7.87 -3.45 -0.57
N MET A 28 8.23 -3.37 0.71
CA MET A 28 9.55 -3.76 1.17
C MET A 28 9.76 -5.26 1.00
N ASP A 29 8.71 -6.03 1.28
CA ASP A 29 8.78 -7.50 1.16
C ASP A 29 8.27 -7.97 -0.19
N CYS A 30 7.44 -7.15 -0.83
CA CYS A 30 6.88 -7.49 -2.12
C CYS A 30 7.97 -7.60 -3.19
N ILE A 31 7.67 -8.30 -4.27
CA ILE A 31 8.63 -8.48 -5.35
C ILE A 31 8.74 -7.21 -6.19
N ILE A 32 9.96 -6.73 -6.38
CA ILE A 32 10.21 -5.53 -7.15
C ILE A 32 9.78 -5.72 -8.61
N SER A 2 -10.47 16.29 7.56
CA SER A 2 -9.56 16.24 6.39
C SER A 2 -9.02 14.83 6.18
N ARG A 3 -8.25 14.64 5.10
CA ARG A 3 -7.65 13.35 4.80
C ARG A 3 -6.75 12.88 5.93
N ASN A 4 -7.10 11.74 6.52
CA ASN A 4 -6.32 11.18 7.62
C ASN A 4 -5.73 9.83 7.25
N ILE A 5 -6.51 9.04 6.52
CA ILE A 5 -6.08 7.71 6.10
C ILE A 5 -6.48 7.43 4.65
N PRO A 6 -5.69 7.93 3.68
CA PRO A 6 -5.96 7.73 2.26
C PRO A 6 -5.79 6.26 1.85
N ILE A 7 -6.25 5.94 0.65
CA ILE A 7 -6.15 4.57 0.14
C ILE A 7 -4.78 4.30 -0.47
N HIS A 8 -4.30 3.08 -0.32
CA HIS A 8 -3.00 2.69 -0.88
C HIS A 8 -3.10 1.32 -1.54
N SER A 9 -2.66 1.26 -2.80
CA SER A 9 -2.69 0.01 -3.55
C SER A 9 -1.32 -0.32 -4.14
N CYS A 10 -0.91 -1.56 -3.98
CA CYS A 10 0.39 -2.02 -4.49
C CYS A 10 0.31 -2.27 -5.99
N PRO A 11 1.14 -1.58 -6.80
CA PRO A 11 1.15 -1.74 -8.26
C PRO A 11 1.85 -3.02 -8.71
N LYS A 12 2.62 -3.63 -7.82
CA LYS A 12 3.34 -4.85 -8.14
C LYS A 12 2.39 -6.03 -8.31
N CYS A 13 1.35 -6.07 -7.47
CA CYS A 13 0.37 -7.15 -7.53
C CYS A 13 -1.05 -6.59 -7.52
N GLY A 14 -1.30 -5.63 -6.63
CA GLY A 14 -2.63 -5.03 -6.54
C GLY A 14 -3.29 -5.32 -5.20
N GLU A 15 -2.49 -5.43 -4.15
CA GLU A 15 -3.01 -5.70 -2.82
C GLU A 15 -3.44 -4.40 -2.13
N VAL A 16 -4.61 -4.43 -1.50
CA VAL A 16 -5.12 -3.25 -0.81
C VAL A 16 -4.38 -3.03 0.50
N LEU A 17 -3.74 -1.87 0.62
CA LEU A 17 -2.98 -1.54 1.82
C LEU A 17 -3.74 -0.56 2.71
N PRO A 18 -3.69 -0.76 4.05
CA PRO A 18 -4.38 0.12 5.00
C PRO A 18 -3.91 1.56 4.91
N ASP A 19 -2.60 1.76 4.98
CA ASP A 19 -2.02 3.09 4.92
C ASP A 19 -0.56 3.05 4.47
N ILE A 20 0.09 4.21 4.43
CA ILE A 20 1.48 4.31 4.02
C ILE A 20 2.38 3.45 4.89
N ASP A 21 2.15 3.49 6.20
CA ASP A 21 2.95 2.72 7.14
C ASP A 21 2.88 1.23 6.80
N THR A 22 1.67 0.73 6.65
CA THR A 22 1.45 -0.66 6.31
C THR A 22 1.87 -0.93 4.86
N LEU A 23 1.68 0.09 4.03
CA LEU A 23 2.03 -0.01 2.62
C LEU A 23 3.54 -0.09 2.42
N GLN A 24 4.28 0.64 3.25
CA GLN A 24 5.73 0.65 3.18
C GLN A 24 6.30 -0.73 3.48
N ILE A 25 5.69 -1.43 4.43
CA ILE A 25 6.14 -2.75 4.82
C ILE A 25 5.87 -3.78 3.72
N HIS A 26 4.77 -3.59 2.99
CA HIS A 26 4.41 -4.50 1.91
C HIS A 26 5.36 -4.36 0.73
N VAL A 27 5.49 -3.13 0.22
CA VAL A 27 6.36 -2.87 -0.92
C VAL A 27 7.79 -3.30 -0.64
N MET A 28 8.18 -3.25 0.64
CA MET A 28 9.53 -3.63 1.04
C MET A 28 9.78 -5.12 0.82
N ASP A 29 8.82 -5.94 1.26
CA ASP A 29 8.94 -7.39 1.13
C ASP A 29 8.36 -7.88 -0.19
N CYS A 30 7.46 -7.09 -0.78
CA CYS A 30 6.84 -7.46 -2.04
C CYS A 30 7.88 -7.64 -3.14
N ILE A 31 7.53 -8.39 -4.18
CA ILE A 31 8.44 -8.64 -5.29
C ILE A 31 8.63 -7.39 -6.13
N ILE A 32 9.88 -7.11 -6.49
CA ILE A 32 10.21 -5.93 -7.30
C ILE A 32 10.94 -6.33 -8.57
N SER A 2 -15.37 13.55 -3.66
CA SER A 2 -14.81 14.87 -3.30
C SER A 2 -14.25 14.85 -1.88
N ARG A 3 -13.07 14.26 -1.71
CA ARG A 3 -12.43 14.18 -0.41
C ARG A 3 -10.95 13.86 -0.55
N ASN A 4 -10.13 14.45 0.33
CA ASN A 4 -8.70 14.22 0.29
C ASN A 4 -8.31 13.03 1.17
N ILE A 5 -8.41 11.83 0.61
CA ILE A 5 -8.07 10.62 1.33
C ILE A 5 -6.90 9.90 0.68
N PRO A 6 -5.79 9.67 1.42
CA PRO A 6 -4.61 8.98 0.89
C PRO A 6 -4.95 7.62 0.29
N ILE A 7 -4.14 7.18 -0.66
CA ILE A 7 -4.34 5.90 -1.31
C ILE A 7 -3.53 4.80 -0.62
N HIS A 8 -4.04 3.58 -0.68
CA HIS A 8 -3.36 2.44 -0.06
C HIS A 8 -3.41 1.21 -0.95
N SER A 9 -2.58 1.21 -1.99
CA SER A 9 -2.53 0.08 -2.92
C SER A 9 -1.09 -0.30 -3.26
N CYS A 10 -0.84 -1.59 -3.43
CA CYS A 10 0.49 -2.08 -3.77
C CYS A 10 0.65 -2.12 -5.29
N PRO A 11 1.74 -1.53 -5.82
CA PRO A 11 1.99 -1.51 -7.26
C PRO A 11 2.55 -2.82 -7.79
N LYS A 12 3.12 -3.62 -6.90
CA LYS A 12 3.70 -4.90 -7.29
C LYS A 12 2.62 -5.93 -7.65
N CYS A 13 1.65 -6.11 -6.76
CA CYS A 13 0.57 -7.07 -6.99
C CYS A 13 -0.76 -6.36 -7.19
N GLY A 14 -1.07 -5.41 -6.31
CA GLY A 14 -2.32 -4.69 -6.41
C GLY A 14 -3.26 -5.00 -5.25
N GLU A 15 -2.68 -5.37 -4.12
CA GLU A 15 -3.45 -5.69 -2.93
C GLU A 15 -3.87 -4.41 -2.20
N VAL A 16 -5.13 -4.35 -1.78
CA VAL A 16 -5.64 -3.18 -1.08
C VAL A 16 -5.11 -3.13 0.34
N LEU A 17 -4.15 -2.24 0.58
CA LEU A 17 -3.54 -2.08 1.89
C LEU A 17 -4.34 -1.11 2.76
N PRO A 18 -4.37 -1.34 4.08
CA PRO A 18 -5.11 -0.47 5.00
C PRO A 18 -4.48 0.91 5.17
N ASP A 19 -3.16 0.98 5.27
CA ASP A 19 -2.48 2.26 5.44
C ASP A 19 -1.18 2.34 4.64
N ILE A 20 -0.58 3.53 4.63
CA ILE A 20 0.67 3.76 3.91
C ILE A 20 1.84 3.09 4.63
N ASP A 21 1.80 3.08 5.95
CA ASP A 21 2.85 2.46 6.75
C ASP A 21 3.01 0.99 6.36
N THR A 22 1.88 0.29 6.29
CA THR A 22 1.87 -1.11 5.91
C THR A 22 2.21 -1.27 4.43
N LEU A 23 1.79 -0.27 3.65
CA LEU A 23 2.04 -0.27 2.21
C LEU A 23 3.52 -0.06 1.92
N GLN A 24 4.15 0.83 2.69
CA GLN A 24 5.56 1.11 2.52
C GLN A 24 6.40 -0.13 2.82
N ILE A 25 6.08 -0.79 3.93
CA ILE A 25 6.79 -1.99 4.34
C ILE A 25 6.43 -3.16 3.42
N HIS A 26 5.19 -3.18 2.95
CA HIS A 26 4.73 -4.24 2.06
C HIS A 26 5.46 -4.20 0.73
N VAL A 27 5.42 -3.04 0.07
CA VAL A 27 6.08 -2.87 -1.22
C VAL A 27 7.57 -3.20 -1.12
N MET A 28 8.16 -2.86 0.02
CA MET A 28 9.58 -3.12 0.24
C MET A 28 9.86 -4.62 0.32
N ASP A 29 8.89 -5.37 0.84
CA ASP A 29 9.03 -6.81 0.96
C ASP A 29 8.09 -7.55 0.01
N CYS A 30 7.66 -6.87 -1.04
CA CYS A 30 6.77 -7.47 -2.02
C CYS A 30 7.54 -7.94 -3.25
N ILE A 31 6.95 -8.89 -3.98
CA ILE A 31 7.58 -9.43 -5.18
C ILE A 31 7.52 -8.43 -6.33
N ILE A 32 8.67 -8.16 -6.93
CA ILE A 32 8.75 -7.22 -8.05
C ILE A 32 8.53 -7.94 -9.38
N SER A 2 -7.37 18.93 3.34
CA SER A 2 -8.29 18.84 2.17
C SER A 2 -8.54 17.40 1.77
N ARG A 3 -9.75 17.11 1.30
CA ARG A 3 -10.10 15.76 0.87
C ARG A 3 -9.99 14.78 2.03
N ASN A 4 -10.52 13.58 1.83
CA ASN A 4 -10.48 12.55 2.86
C ASN A 4 -9.17 11.77 2.79
N ILE A 5 -9.05 10.74 3.63
CA ILE A 5 -7.85 9.92 3.67
C ILE A 5 -7.85 8.89 2.53
N PRO A 6 -6.96 9.05 1.54
CA PRO A 6 -6.87 8.13 0.40
C PRO A 6 -6.26 6.78 0.80
N ILE A 7 -6.61 5.74 0.05
CA ILE A 7 -6.10 4.40 0.31
C ILE A 7 -5.00 4.03 -0.68
N HIS A 8 -3.90 3.48 -0.16
CA HIS A 8 -2.79 3.08 -1.00
C HIS A 8 -2.91 1.62 -1.42
N SER A 9 -2.37 1.30 -2.59
CA SER A 9 -2.41 -0.07 -3.10
C SER A 9 -1.05 -0.48 -3.66
N CYS A 10 -0.72 -1.76 -3.48
CA CYS A 10 0.55 -2.29 -3.95
C CYS A 10 0.50 -2.56 -5.46
N PRO A 11 1.23 -1.75 -6.26
CA PRO A 11 1.26 -1.91 -7.72
C PRO A 11 1.95 -3.20 -8.17
N LYS A 12 2.65 -3.84 -7.24
CA LYS A 12 3.37 -5.07 -7.56
C LYS A 12 2.40 -6.22 -7.80
N CYS A 13 1.51 -6.45 -6.83
CA CYS A 13 0.52 -7.52 -6.94
C CYS A 13 -0.88 -6.95 -7.11
N GLY A 14 -1.18 -5.90 -6.35
CA GLY A 14 -2.49 -5.28 -6.43
C GLY A 14 -3.29 -5.45 -5.16
N GLU A 15 -2.61 -5.38 -4.02
CA GLU A 15 -3.25 -5.54 -2.73
C GLU A 15 -3.61 -4.18 -2.13
N VAL A 16 -4.83 -4.06 -1.60
CA VAL A 16 -5.28 -2.81 -1.00
C VAL A 16 -4.62 -2.60 0.35
N LEU A 17 -3.81 -1.55 0.44
CA LEU A 17 -3.10 -1.24 1.69
C LEU A 17 -3.76 -0.08 2.43
N PRO A 18 -4.29 -0.33 3.65
CA PRO A 18 -4.94 0.69 4.45
C PRO A 18 -4.19 2.03 4.48
N ASP A 19 -2.89 1.97 4.74
CA ASP A 19 -2.09 3.19 4.81
C ASP A 19 -0.67 2.97 4.27
N ILE A 20 0.14 4.01 4.34
CA ILE A 20 1.52 3.94 3.87
C ILE A 20 2.37 3.06 4.78
N ASP A 21 2.01 3.01 6.05
CA ASP A 21 2.74 2.20 7.01
C ASP A 21 2.71 0.73 6.61
N THR A 22 1.51 0.23 6.34
CA THR A 22 1.34 -1.15 5.91
C THR A 22 1.87 -1.34 4.49
N LEU A 23 1.75 -0.30 3.68
CA LEU A 23 2.20 -0.32 2.30
C LEU A 23 3.72 -0.32 2.23
N GLN A 24 4.35 0.45 3.10
CA GLN A 24 5.81 0.55 3.14
C GLN A 24 6.43 -0.82 3.44
N ILE A 25 5.97 -1.45 4.51
CA ILE A 25 6.49 -2.75 4.90
C ILE A 25 6.11 -3.82 3.87
N HIS A 26 4.99 -3.61 3.20
CA HIS A 26 4.53 -4.56 2.19
C HIS A 26 5.43 -4.52 0.95
N VAL A 27 5.59 -3.34 0.38
CA VAL A 27 6.41 -3.17 -0.81
C VAL A 27 7.88 -3.51 -0.51
N MET A 28 8.29 -3.28 0.73
CA MET A 28 9.66 -3.56 1.15
C MET A 28 10.04 -5.01 0.83
N ASP A 29 9.05 -5.89 0.89
CA ASP A 29 9.27 -7.30 0.60
C ASP A 29 8.49 -7.75 -0.64
N CYS A 30 7.50 -6.94 -1.03
CA CYS A 30 6.68 -7.26 -2.20
C CYS A 30 7.14 -6.48 -3.43
N ILE A 31 7.55 -7.21 -4.47
CA ILE A 31 8.00 -6.59 -5.71
C ILE A 31 7.67 -7.47 -6.91
N ILE A 32 7.09 -6.86 -7.94
CA ILE A 32 6.72 -7.59 -9.14
C ILE A 32 6.81 -6.70 -10.38
N SER A 2 -9.84 13.77 -3.99
CA SER A 2 -10.03 13.67 -2.51
C SER A 2 -8.73 14.00 -1.78
N ARG A 3 -8.78 15.01 -0.93
CA ARG A 3 -7.60 15.42 -0.16
C ARG A 3 -7.85 15.27 1.34
N ASN A 4 -7.68 14.05 1.84
CA ASN A 4 -7.89 13.75 3.25
C ASN A 4 -7.55 12.31 3.58
N ILE A 5 -7.93 11.41 2.67
CA ILE A 5 -7.66 9.99 2.85
C ILE A 5 -6.71 9.46 1.78
N PRO A 6 -5.40 9.42 2.08
CA PRO A 6 -4.39 8.94 1.13
C PRO A 6 -4.70 7.54 0.61
N ILE A 7 -3.99 7.13 -0.43
CA ILE A 7 -4.20 5.81 -1.02
C ILE A 7 -3.18 4.80 -0.49
N HIS A 8 -3.56 3.53 -0.51
CA HIS A 8 -2.67 2.47 -0.02
C HIS A 8 -2.85 1.20 -0.84
N SER A 9 -2.22 1.16 -2.00
CA SER A 9 -2.31 0.00 -2.89
C SER A 9 -0.94 -0.39 -3.42
N CYS A 10 -0.72 -1.68 -3.58
CA CYS A 10 0.55 -2.19 -4.07
C CYS A 10 0.50 -2.44 -5.58
N PRO A 11 1.18 -1.60 -6.38
CA PRO A 11 1.19 -1.72 -7.84
C PRO A 11 1.88 -3.00 -8.32
N LYS A 12 2.60 -3.66 -7.42
CA LYS A 12 3.31 -4.90 -7.75
C LYS A 12 2.33 -6.03 -8.01
N CYS A 13 1.46 -6.29 -7.05
CA CYS A 13 0.47 -7.35 -7.17
C CYS A 13 -0.94 -6.79 -7.21
N GLY A 14 -1.17 -5.72 -6.45
CA GLY A 14 -2.48 -5.10 -6.42
C GLY A 14 -3.27 -5.44 -5.17
N GLU A 15 -2.57 -5.44 -4.03
CA GLU A 15 -3.22 -5.75 -2.76
C GLU A 15 -3.72 -4.48 -2.09
N VAL A 16 -4.95 -4.52 -1.60
CA VAL A 16 -5.55 -3.37 -0.93
C VAL A 16 -4.98 -3.20 0.46
N LEU A 17 -4.39 -2.03 0.72
CA LEU A 17 -3.79 -1.74 2.01
C LEU A 17 -4.60 -0.67 2.75
N PRO A 18 -4.60 -0.69 4.10
CA PRO A 18 -5.34 0.27 4.91
C PRO A 18 -4.60 1.59 5.11
N ASP A 19 -3.28 1.51 5.27
CA ASP A 19 -2.48 2.71 5.49
C ASP A 19 -1.16 2.65 4.73
N ILE A 20 -0.46 3.79 4.69
CA ILE A 20 0.83 3.87 4.00
C ILE A 20 1.92 3.15 4.78
N ASP A 21 1.70 2.95 6.08
CA ASP A 21 2.67 2.28 6.92
C ASP A 21 2.80 0.82 6.49
N THR A 22 1.67 0.13 6.37
CA THR A 22 1.65 -1.25 5.96
C THR A 22 2.01 -1.35 4.47
N LEU A 23 1.57 -0.36 3.71
CA LEU A 23 1.83 -0.31 2.27
C LEU A 23 3.33 -0.13 2.01
N GLN A 24 3.97 0.69 2.83
CA GLN A 24 5.40 0.95 2.69
C GLN A 24 6.21 -0.30 2.99
N ILE A 25 5.89 -0.95 4.11
CA ILE A 25 6.58 -2.16 4.51
C ILE A 25 6.29 -3.30 3.55
N HIS A 26 5.09 -3.28 2.97
CA HIS A 26 4.69 -4.31 2.02
C HIS A 26 5.53 -4.24 0.75
N VAL A 27 5.54 -3.07 0.13
CA VAL A 27 6.31 -2.87 -1.10
C VAL A 27 7.78 -3.19 -0.89
N MET A 28 8.26 -2.95 0.33
CA MET A 28 9.65 -3.21 0.67
C MET A 28 9.95 -4.71 0.65
N ASP A 29 8.95 -5.50 0.98
CA ASP A 29 9.10 -6.96 1.01
C ASP A 29 8.27 -7.61 -0.09
N CYS A 30 7.88 -6.83 -1.10
CA CYS A 30 7.08 -7.34 -2.20
C CYS A 30 7.97 -7.62 -3.42
N ILE A 31 7.48 -8.47 -4.31
CA ILE A 31 8.23 -8.83 -5.52
C ILE A 31 8.23 -7.67 -6.52
N ILE A 32 9.41 -7.17 -6.83
CA ILE A 32 9.55 -6.07 -7.77
C ILE A 32 9.04 -6.46 -9.16
N SER A 2 -18.04 4.98 7.94
CA SER A 2 -17.22 6.22 7.80
C SER A 2 -15.75 5.88 7.60
N ARG A 3 -15.19 6.35 6.49
CA ARG A 3 -13.79 6.10 6.18
C ARG A 3 -13.07 7.40 5.81
N ASN A 4 -12.46 8.03 6.80
CA ASN A 4 -11.74 9.28 6.58
C ASN A 4 -10.24 9.03 6.46
N ILE A 5 -9.88 7.94 5.80
CA ILE A 5 -8.47 7.59 5.62
C ILE A 5 -8.20 7.14 4.19
N PRO A 6 -7.11 7.65 3.56
CA PRO A 6 -6.75 7.29 2.19
C PRO A 6 -6.26 5.85 2.08
N ILE A 7 -6.14 5.36 0.85
CA ILE A 7 -5.68 4.00 0.62
C ILE A 7 -4.45 3.98 -0.27
N HIS A 8 -3.57 3.00 -0.06
CA HIS A 8 -2.36 2.86 -0.85
C HIS A 8 -2.15 1.42 -1.28
N SER A 9 -2.75 1.06 -2.41
CA SER A 9 -2.65 -0.30 -2.93
C SER A 9 -1.31 -0.51 -3.65
N CYS A 10 -0.79 -1.73 -3.53
CA CYS A 10 0.49 -2.07 -4.13
C CYS A 10 0.32 -2.35 -5.64
N PRO A 11 0.88 -1.47 -6.50
CA PRO A 11 0.78 -1.61 -7.96
C PRO A 11 1.53 -2.82 -8.50
N LYS A 12 2.42 -3.39 -7.69
CA LYS A 12 3.20 -4.54 -8.12
C LYS A 12 2.33 -5.79 -8.26
N CYS A 13 1.49 -6.03 -7.25
CA CYS A 13 0.60 -7.18 -7.26
C CYS A 13 -0.86 -6.75 -7.27
N GLY A 14 -1.18 -5.73 -6.47
CA GLY A 14 -2.55 -5.24 -6.42
C GLY A 14 -3.22 -5.54 -5.09
N GLU A 15 -2.55 -5.21 -4.00
CA GLU A 15 -3.09 -5.45 -2.67
C GLU A 15 -3.55 -4.14 -2.03
N VAL A 16 -4.79 -4.12 -1.56
CA VAL A 16 -5.35 -2.93 -0.93
C VAL A 16 -4.80 -2.73 0.48
N LEU A 17 -4.08 -1.63 0.68
CA LEU A 17 -3.50 -1.32 1.98
C LEU A 17 -4.19 -0.11 2.61
N PRO A 18 -4.60 -0.21 3.88
CA PRO A 18 -5.27 0.89 4.59
C PRO A 18 -4.46 2.19 4.59
N ASP A 19 -3.18 2.10 4.93
CA ASP A 19 -2.33 3.28 4.98
C ASP A 19 -1.01 3.06 4.23
N ILE A 20 -0.14 4.07 4.29
CA ILE A 20 1.15 4.00 3.62
C ILE A 20 2.15 3.21 4.44
N ASP A 21 2.07 3.36 5.76
CA ASP A 21 2.95 2.65 6.67
C ASP A 21 2.84 1.16 6.46
N THR A 22 1.61 0.68 6.30
CA THR A 22 1.36 -0.73 6.05
C THR A 22 1.82 -1.09 4.65
N LEU A 23 1.66 -0.14 3.73
CA LEU A 23 2.06 -0.33 2.34
C LEU A 23 3.58 -0.38 2.21
N GLN A 24 4.26 0.45 2.98
CA GLN A 24 5.71 0.51 2.95
C GLN A 24 6.32 -0.85 3.31
N ILE A 25 5.80 -1.46 4.37
CA ILE A 25 6.30 -2.75 4.81
C ILE A 25 6.05 -3.83 3.76
N HIS A 26 4.94 -3.69 3.03
CA HIS A 26 4.57 -4.65 2.00
C HIS A 26 5.52 -4.55 0.80
N VAL A 27 5.65 -3.35 0.24
CA VAL A 27 6.51 -3.13 -0.91
C VAL A 27 7.95 -3.49 -0.58
N MET A 28 8.33 -3.34 0.69
CA MET A 28 9.68 -3.66 1.13
C MET A 28 9.97 -5.14 0.96
N ASP A 29 8.97 -5.98 1.24
CA ASP A 29 9.13 -7.43 1.12
C ASP A 29 8.39 -7.96 -0.11
N CYS A 30 8.00 -7.06 -1.02
CA CYS A 30 7.29 -7.45 -2.22
C CYS A 30 8.24 -7.54 -3.41
N ILE A 31 7.84 -8.29 -4.43
CA ILE A 31 8.66 -8.46 -5.63
C ILE A 31 8.70 -7.17 -6.44
N ILE A 32 9.89 -6.61 -6.59
CA ILE A 32 10.06 -5.37 -7.35
C ILE A 32 10.52 -5.66 -8.78
#